data_6UUD
#
_entry.id   6UUD
#
_cell.length_a   52.601
_cell.length_b   60.901
_cell.length_c   72.435
_cell.angle_alpha   90.000
_cell.angle_beta   97.666
_cell.angle_gamma   90.000
#
_symmetry.space_group_name_H-M   'P 1 21 1'
#
loop_
_entity.id
_entity.type
_entity.pdbx_description
1 polymer '5D5 Antibody Fab, heavy chain'
2 polymer '5D5 Antibody Fab, light chain'
3 polymer 'Circumsporozoite protein'
4 branched 2-acetamido-2-deoxy-beta-D-glucopyranose-(1-4)-[alpha-L-fucopyranose-(1-6)]2-acetamido-2-deoxy-beta-D-glucopyranose
5 non-polymer 1,2-ETHANEDIOL
6 water water
#
loop_
_entity_poly.entity_id
_entity_poly.type
_entity_poly.pdbx_seq_one_letter_code
_entity_poly.pdbx_strand_id
1 'polypeptide(L)'
;QVHLQQSGGEVARPGASVKLSCKASGYTFTGYGLSWVKQRTGQGLEWIGEIYPRSGNTYYNEKFKGKATLTADKSSSTAY
MELRSLTSEDSAVYFCARSWGNSSFVYWGQGTLVTVSAASTKGPSVFPLAPSSKSTSGGTAALGCLVKDYFPEPVTVSWN
SGALTSGVHTFPAVLQSSGLYSLSSVVTVPSSSLGTQTYICNVNHKPSNTKVDKKVEPKSC
;
H
2 'polypeptide(L)'
;SIVMTQTPKFLLVSAGDRVTITCKASQSVTNDVTWYQQKPGQSPKLLIYYASNRYTGVPDRFTGSGYGTDFTFTISTVQA
EDLAVYFCQQDYSSPFTFGSGTKLEIKRTVAAPSVFIFPPSDEQLKSGTASVVCLLNNFYPREAKVQWKVDNALQSGNSQ
ESVTEQDSKDSTYSLSSTLTLSKADYEKHKVYACEVTHQGLSSPVTKSFNRGEC
;
L
3 'polypeptide(L)' EDNEKLRKPKHKKLKQPA A
#
loop_
_chem_comp.id
_chem_comp.type
_chem_comp.name
_chem_comp.formula
EDO non-polymer 1,2-ETHANEDIOL 'C2 H6 O2'
FUC L-saccharide, alpha linking alpha-L-fucopyranose 'C6 H12 O5'
NAG D-saccharide, beta linking 2-acetamido-2-deoxy-beta-D-glucopyranose 'C8 H15 N O6'
#
# COMPACT_ATOMS: atom_id res chain seq x y z
N GLN A 1 -2.58 17.62 16.92
CA GLN A 1 -3.18 16.34 17.24
C GLN A 1 -4.31 16.03 16.26
N VAL A 2 -4.31 16.74 15.13
CA VAL A 2 -5.31 16.52 14.10
C VAL A 2 -5.29 15.06 13.67
N HIS A 3 -6.47 14.46 13.60
CA HIS A 3 -6.57 13.10 13.10
C HIS A 3 -7.87 12.94 12.33
N LEU A 4 -7.79 12.34 11.15
CA LEU A 4 -8.93 12.02 10.31
C LEU A 4 -8.97 10.52 10.14
N GLN A 5 -10.06 9.88 10.61
CA GLN A 5 -10.21 8.43 10.60
C GLN A 5 -11.30 8.03 9.63
N GLN A 6 -10.91 7.40 8.52
CA GLN A 6 -11.86 7.03 7.48
C GLN A 6 -12.40 5.62 7.70
N SER A 7 -13.60 5.38 7.17
CA SER A 7 -14.24 4.08 7.24
C SER A 7 -13.49 3.03 6.41
N GLY A 8 -13.79 1.76 6.68
CA GLY A 8 -13.06 0.68 6.04
C GLY A 8 -13.46 0.47 4.58
N GLY A 9 -12.62 -0.30 3.87
CA GLY A 9 -12.90 -0.61 2.47
C GLY A 9 -14.22 -1.33 2.31
N GLU A 10 -14.84 -1.17 1.13
CA GLU A 10 -16.18 -1.68 0.90
C GLU A 10 -16.31 -2.15 -0.55
N VAL A 11 -17.11 -3.20 -0.75
CA VAL A 11 -17.60 -3.51 -2.07
C VAL A 11 -18.98 -2.86 -2.21
N ALA A 12 -19.30 -2.42 -3.41
CA ALA A 12 -20.62 -1.84 -3.66
C ALA A 12 -21.03 -2.19 -5.09
N ARG A 13 -22.34 -2.36 -5.29
CA ARG A 13 -22.80 -2.86 -6.58
C ARG A 13 -22.80 -1.76 -7.64
N PRO A 14 -22.49 -2.10 -8.89
CA PRO A 14 -22.70 -1.14 -9.98
C PRO A 14 -24.13 -0.60 -9.97
N GLY A 15 -24.27 0.69 -10.24
CA GLY A 15 -25.54 1.36 -10.21
C GLY A 15 -26.02 1.77 -8.85
N ALA A 16 -25.46 1.20 -7.78
CA ALA A 16 -25.87 1.52 -6.42
C ALA A 16 -25.09 2.74 -5.94
N SER A 17 -25.27 3.09 -4.67
CA SER A 17 -24.54 4.18 -4.03
C SER A 17 -23.71 3.62 -2.89
N VAL A 18 -22.74 4.43 -2.44
CA VAL A 18 -21.95 4.10 -1.26
C VAL A 18 -21.60 5.40 -0.57
N LYS A 19 -21.64 5.40 0.76
CA LYS A 19 -21.38 6.59 1.56
C LYS A 19 -20.14 6.34 2.42
N LEU A 20 -19.09 7.09 2.16
CA LEU A 20 -17.85 6.98 2.91
C LEU A 20 -17.84 8.02 4.03
N SER A 21 -17.13 7.71 5.12
CA SER A 21 -17.11 8.61 6.26
C SER A 21 -15.68 8.97 6.64
N CYS A 22 -15.55 10.14 7.26
CA CYS A 22 -14.26 10.70 7.68
C CYS A 22 -14.52 11.33 9.04
N LYS A 23 -14.09 10.67 10.11
CA LYS A 23 -14.31 11.17 11.46
C LYS A 23 -13.09 11.98 11.90
N ALA A 24 -13.35 13.21 12.35
CA ALA A 24 -12.30 14.15 12.71
C ALA A 24 -12.16 14.28 14.21
N SER A 25 -10.91 14.39 14.66
CA SER A 25 -10.64 14.58 16.09
C SER A 25 -9.40 15.45 16.22
N GLY A 26 -9.25 16.04 17.40
CA GLY A 26 -8.09 16.85 17.72
C GLY A 26 -8.16 18.29 17.25
N TYR A 27 -9.33 18.76 16.82
CA TYR A 27 -9.49 20.16 16.43
C TYR A 27 -10.99 20.45 16.37
N THR A 28 -11.31 21.73 16.24
CA THR A 28 -12.70 22.17 16.11
C THR A 28 -13.17 21.89 14.68
N PHE A 29 -14.08 20.92 14.55
CA PHE A 29 -14.53 20.45 13.25
C PHE A 29 -15.02 21.58 12.35
N THR A 30 -15.78 22.52 12.91
CA THR A 30 -16.33 23.62 12.13
C THR A 30 -15.30 24.68 11.73
N GLY A 31 -14.04 24.55 12.17
CA GLY A 31 -13.07 25.58 11.86
C GLY A 31 -12.51 25.56 10.44
N TYR A 32 -12.60 24.43 9.72
CA TYR A 32 -11.83 24.30 8.50
C TYR A 32 -12.56 23.54 7.40
N GLY A 33 -12.36 24.00 6.17
CA GLY A 33 -12.83 23.25 5.03
C GLY A 33 -12.16 21.89 4.94
N LEU A 34 -12.91 20.92 4.43
CA LEU A 34 -12.49 19.52 4.34
C LEU A 34 -12.82 19.01 2.95
N SER A 35 -11.83 18.42 2.28
CA SER A 35 -11.99 17.94 0.92
C SER A 35 -11.91 16.43 0.84
N TRP A 36 -12.33 15.91 -0.30
CA TRP A 36 -12.16 14.51 -0.66
C TRP A 36 -11.35 14.43 -1.95
N VAL A 37 -10.47 13.43 -2.01
CA VAL A 37 -9.52 13.25 -3.09
C VAL A 37 -9.56 11.80 -3.53
N LYS A 38 -9.59 11.59 -4.85
CA LYS A 38 -9.64 10.26 -5.43
C LYS A 38 -8.27 9.90 -5.98
N GLN A 39 -7.82 8.67 -5.68
CA GLN A 39 -6.59 8.14 -6.26
C GLN A 39 -6.84 6.75 -6.81
N ARG A 40 -6.57 6.56 -8.10
CA ARG A 40 -6.47 5.22 -8.65
C ARG A 40 -5.07 4.68 -8.36
N THR A 41 -4.99 3.44 -7.87
CA THR A 41 -3.74 2.89 -7.38
C THR A 41 -2.62 3.02 -8.40
N GLY A 42 -1.51 3.64 -7.98
CA GLY A 42 -0.40 3.87 -8.86
C GLY A 42 -0.57 5.03 -9.80
N GLN A 43 -1.74 5.66 -9.84
CA GLN A 43 -1.97 6.79 -10.72
C GLN A 43 -2.17 8.08 -9.95
N GLY A 44 -2.77 9.07 -10.60
CA GLY A 44 -2.80 10.42 -10.09
C GLY A 44 -3.88 10.67 -9.07
N LEU A 45 -3.84 11.87 -8.51
CA LEU A 45 -4.78 12.34 -7.51
C LEU A 45 -5.69 13.39 -8.12
N GLU A 46 -6.98 13.28 -7.83
CA GLU A 46 -8.02 14.18 -8.33
C GLU A 46 -8.80 14.75 -7.15
N TRP A 47 -8.93 16.07 -7.11
CA TRP A 47 -9.80 16.71 -6.13
C TRP A 47 -11.27 16.51 -6.50
N ILE A 48 -12.07 16.03 -5.55
CA ILE A 48 -13.50 15.82 -5.77
C ILE A 48 -14.32 17.04 -5.38
N GLY A 49 -14.14 17.53 -4.15
CA GLY A 49 -14.95 18.63 -3.67
C GLY A 49 -14.53 18.98 -2.26
N GLU A 50 -15.10 20.08 -1.77
CA GLU A 50 -14.80 20.59 -0.43
C GLU A 50 -16.09 21.00 0.26
N ILE A 51 -16.14 20.77 1.58
CA ILE A 51 -17.27 21.17 2.40
C ILE A 51 -16.74 21.92 3.62
N TYR A 52 -17.50 22.92 4.05
CA TYR A 52 -17.21 23.68 5.26
C TYR A 52 -18.25 23.35 6.32
N PRO A 53 -17.90 22.55 7.34
CA PRO A 53 -18.93 22.04 8.27
C PRO A 53 -19.65 23.11 9.08
N ARG A 54 -19.07 24.32 9.21
CA ARG A 54 -19.76 25.38 9.94
C ARG A 54 -21.07 25.76 9.27
N SER A 55 -21.06 25.87 7.94
CA SER A 55 -22.20 26.30 7.15
C SER A 55 -22.85 25.20 6.34
N GLY A 56 -22.13 24.13 6.07
CA GLY A 56 -22.55 23.14 5.11
C GLY A 56 -22.28 23.50 3.66
N ASN A 57 -21.66 24.65 3.40
CA ASN A 57 -21.41 25.08 2.03
C ASN A 57 -20.43 24.14 1.34
N THR A 58 -20.71 23.84 0.07
CA THR A 58 -19.95 22.86 -0.68
C THR A 58 -19.45 23.46 -1.99
N TYR A 59 -18.28 23.00 -2.43
CA TYR A 59 -17.69 23.37 -3.70
C TYR A 59 -17.26 22.09 -4.39
N TYR A 60 -17.61 21.93 -5.66
CA TYR A 60 -17.35 20.68 -6.34
C TYR A 60 -16.46 20.88 -7.54
N ASN A 61 -15.56 19.94 -7.76
CA ASN A 61 -14.96 19.77 -9.07
C ASN A 61 -16.06 19.45 -10.07
N GLU A 62 -16.09 20.20 -11.16
CA GLU A 62 -17.15 20.04 -12.15
C GLU A 62 -17.31 18.60 -12.59
N LYS A 63 -16.20 17.87 -12.71
CA LYS A 63 -16.24 16.48 -13.18
C LYS A 63 -17.00 15.56 -12.23
N PHE A 64 -17.10 15.92 -10.95
CA PHE A 64 -17.75 15.07 -9.96
C PHE A 64 -19.13 15.56 -9.56
N LYS A 65 -19.62 16.64 -10.15
CA LYS A 65 -21.01 17.01 -9.99
C LYS A 65 -21.90 15.92 -10.57
N GLY A 66 -22.86 15.46 -9.78
CA GLY A 66 -23.70 14.35 -10.19
C GLY A 66 -23.14 12.99 -9.88
N LYS A 67 -21.89 12.90 -9.42
CA LYS A 67 -21.32 11.66 -8.91
C LYS A 67 -21.19 11.64 -7.40
N ALA A 68 -20.70 12.73 -6.82
CA ALA A 68 -20.35 12.79 -5.40
C ALA A 68 -21.18 13.85 -4.71
N THR A 69 -21.61 13.55 -3.48
CA THR A 69 -22.32 14.49 -2.63
C THR A 69 -21.64 14.52 -1.28
N LEU A 70 -21.15 15.69 -0.87
CA LEU A 70 -20.48 15.89 0.41
C LEU A 70 -21.46 16.43 1.44
N THR A 71 -21.48 15.83 2.64
CA THR A 71 -22.25 16.31 3.77
C THR A 71 -21.37 16.32 5.01
N ALA A 72 -21.90 16.82 6.12
CA ALA A 72 -21.16 16.81 7.38
C ALA A 72 -22.14 16.83 8.54
N ASP A 73 -21.75 16.21 9.64
CA ASP A 73 -22.55 16.16 10.86
C ASP A 73 -21.72 16.78 11.99
N LYS A 74 -22.13 17.97 12.44
CA LYS A 74 -21.40 18.67 13.49
C LYS A 74 -21.38 17.86 14.79
N SER A 75 -22.49 17.20 15.13
CA SER A 75 -22.60 16.56 16.43
C SER A 75 -21.61 15.42 16.59
N SER A 76 -21.25 14.76 15.49
CA SER A 76 -20.33 13.63 15.52
C SER A 76 -18.97 13.94 14.90
N SER A 77 -18.73 15.18 14.48
CA SER A 77 -17.49 15.58 13.83
C SER A 77 -17.14 14.64 12.67
N THR A 78 -18.13 14.33 11.84
CA THR A 78 -17.95 13.38 10.77
C THR A 78 -18.32 14.00 9.44
N ALA A 79 -17.44 13.84 8.45
CA ALA A 79 -17.70 14.19 7.07
C ALA A 79 -18.05 12.95 6.27
N TYR A 80 -18.98 13.10 5.34
CA TYR A 80 -19.47 12.00 4.52
C TYR A 80 -19.34 12.37 3.05
N MET A 81 -19.01 11.38 2.22
CA MET A 81 -19.11 11.52 0.78
C MET A 81 -19.89 10.32 0.24
N GLU A 82 -21.01 10.60 -0.42
CA GLU A 82 -21.79 9.57 -1.08
C GLU A 82 -21.51 9.58 -2.57
N LEU A 83 -21.13 8.42 -3.12
CA LEU A 83 -20.97 8.25 -4.56
C LEU A 83 -22.17 7.51 -5.11
N ARG A 84 -22.78 8.04 -6.16
CA ARG A 84 -23.99 7.47 -6.73
C ARG A 84 -23.72 6.89 -8.11
N SER A 85 -24.65 6.03 -8.55
CA SER A 85 -24.63 5.45 -9.90
C SER A 85 -23.27 4.84 -10.24
N LEU A 86 -22.81 3.96 -9.35
CA LEU A 86 -21.42 3.49 -9.39
C LEU A 86 -21.11 2.73 -10.67
N THR A 87 -19.90 2.96 -11.20
CA THR A 87 -19.36 2.25 -12.35
C THR A 87 -17.96 1.76 -12.03
N SER A 88 -17.41 0.96 -12.93
CA SER A 88 -16.06 0.44 -12.74
C SER A 88 -15.04 1.55 -12.52
N GLU A 89 -15.27 2.73 -13.13
CA GLU A 89 -14.36 3.86 -12.98
C GLU A 89 -14.42 4.48 -11.59
N ASP A 90 -15.39 4.11 -10.76
CA ASP A 90 -15.42 4.61 -9.40
C ASP A 90 -14.61 3.77 -8.43
N SER A 91 -14.14 2.59 -8.83
CA SER A 91 -13.25 1.81 -7.96
C SER A 91 -11.92 2.54 -7.84
N ALA A 92 -11.56 2.91 -6.62
CA ALA A 92 -10.38 3.73 -6.34
C ALA A 92 -10.23 3.82 -4.83
N VAL A 93 -9.12 4.43 -4.39
CA VAL A 93 -8.95 4.86 -3.00
C VAL A 93 -9.45 6.30 -2.88
N TYR A 94 -10.20 6.58 -1.82
CA TYR A 94 -10.70 7.92 -1.56
C TYR A 94 -10.12 8.43 -0.25
N PHE A 95 -9.51 9.61 -0.30
CA PHE A 95 -8.99 10.26 0.90
C PHE A 95 -9.87 11.45 1.28
N CYS A 96 -9.96 11.70 2.59
CA CYS A 96 -10.35 13.02 3.06
C CYS A 96 -9.10 13.78 3.48
N ALA A 97 -9.11 15.08 3.23
CA ALA A 97 -7.97 15.93 3.55
C ALA A 97 -8.50 17.26 4.06
N ARG A 98 -7.89 17.75 5.13
CA ARG A 98 -8.36 18.94 5.82
C ARG A 98 -7.49 20.13 5.47
N SER A 99 -8.11 21.30 5.32
CA SER A 99 -7.43 22.54 4.93
C SER A 99 -6.79 23.22 6.14
N TRP A 100 -5.96 24.22 5.84
CA TRP A 100 -5.35 25.07 6.86
C TRP A 100 -4.98 26.38 6.19
N GLY A 101 -5.39 27.49 6.78
CA GLY A 101 -5.22 28.76 6.10
C GLY A 101 -5.93 28.70 4.76
N ASN A 102 -5.28 29.19 3.72
CA ASN A 102 -5.84 29.09 2.38
C ASN A 102 -5.37 27.82 1.65
N SER A 103 -4.65 26.92 2.32
CA SER A 103 -4.12 25.71 1.70
C SER A 103 -5.10 24.55 1.83
N SER A 104 -5.20 23.74 0.77
CA SER A 104 -6.33 22.83 0.62
C SER A 104 -6.18 21.53 1.41
N PHE A 105 -5.02 20.84 1.27
CA PHE A 105 -4.87 19.45 1.73
C PHE A 105 -3.64 19.33 2.64
N VAL A 106 -3.79 19.67 3.91
CA VAL A 106 -2.67 19.67 4.85
C VAL A 106 -2.66 18.42 5.72
N TYR A 107 -3.81 18.00 6.22
CA TYR A 107 -3.91 16.79 7.03
C TYR A 107 -4.77 15.77 6.30
N TRP A 108 -4.31 14.52 6.25
CA TRP A 108 -4.93 13.50 5.41
C TRP A 108 -5.42 12.31 6.23
N GLY A 109 -6.58 11.78 5.87
CA GLY A 109 -7.01 10.49 6.37
C GLY A 109 -6.21 9.37 5.72
N GLN A 110 -6.47 8.15 6.19
CA GLN A 110 -5.69 6.99 5.74
C GLN A 110 -6.21 6.39 4.44
N GLY A 111 -7.36 6.82 3.96
CA GLY A 111 -7.88 6.35 2.70
C GLY A 111 -8.86 5.19 2.86
N THR A 112 -9.80 5.11 1.92
CA THR A 112 -10.81 4.06 1.90
C THR A 112 -10.86 3.50 0.49
N LEU A 113 -10.69 2.18 0.36
CA LEU A 113 -10.73 1.53 -0.95
C LEU A 113 -12.16 1.10 -1.26
N VAL A 114 -12.68 1.59 -2.38
CA VAL A 114 -14.00 1.21 -2.88
C VAL A 114 -13.80 0.29 -4.07
N THR A 115 -14.44 -0.88 -4.04
CA THR A 115 -14.46 -1.80 -5.16
C THR A 115 -15.89 -1.91 -5.68
N VAL A 116 -16.12 -1.51 -6.93
CA VAL A 116 -17.45 -1.60 -7.52
C VAL A 116 -17.59 -2.97 -8.15
N SER A 117 -18.50 -3.78 -7.62
CA SER A 117 -18.62 -5.17 -8.06
C SER A 117 -19.94 -5.76 -7.55
N ALA A 118 -20.51 -6.68 -8.34
CA ALA A 118 -21.69 -7.41 -7.92
C ALA A 118 -21.35 -8.68 -7.13
N ALA A 119 -20.08 -9.01 -6.99
CA ALA A 119 -19.69 -10.18 -6.22
C ALA A 119 -19.85 -9.93 -4.71
N SER A 120 -20.15 -11.00 -3.98
CA SER A 120 -20.35 -10.90 -2.54
C SER A 120 -19.01 -10.81 -1.80
N THR A 121 -19.04 -10.17 -0.63
CA THR A 121 -17.85 -10.11 0.22
C THR A 121 -17.54 -11.49 0.78
N LYS A 122 -16.25 -11.78 0.94
CA LYS A 122 -15.84 -13.06 1.53
C LYS A 122 -14.63 -12.85 2.40
N GLY A 123 -14.73 -13.23 3.68
CA GLY A 123 -13.61 -13.13 4.60
C GLY A 123 -12.56 -14.19 4.35
N PRO A 124 -11.32 -13.92 4.76
CA PRO A 124 -10.23 -14.84 4.47
C PRO A 124 -10.10 -15.99 5.47
N SER A 125 -9.53 -17.09 4.99
CA SER A 125 -9.02 -18.13 5.86
C SER A 125 -7.56 -17.80 6.16
N VAL A 126 -7.12 -18.10 7.37
CA VAL A 126 -5.76 -17.74 7.79
C VAL A 126 -5.05 -19.01 8.22
N PHE A 127 -3.92 -19.28 7.59
CA PHE A 127 -3.21 -20.51 7.87
C PHE A 127 -1.78 -20.21 8.28
N PRO A 128 -1.19 -21.00 9.17
CA PRO A 128 0.19 -20.72 9.59
C PRO A 128 1.19 -21.16 8.53
N LEU A 129 2.23 -20.33 8.37
CA LEU A 129 3.46 -20.71 7.67
C LEU A 129 4.48 -21.03 8.77
N ALA A 130 4.55 -22.32 9.18
CA ALA A 130 5.28 -22.68 10.40
C ALA A 130 6.79 -22.66 10.16
N PRO A 131 7.58 -22.14 11.10
CA PRO A 131 9.04 -22.25 10.97
C PRO A 131 9.51 -23.69 11.16
N SER A 132 10.50 -24.09 10.36
CA SER A 132 11.04 -25.44 10.42
C SER A 132 12.48 -25.43 9.92
N SER A 133 13.12 -26.59 9.95
CA SER A 133 14.50 -26.68 9.46
C SER A 133 14.60 -26.35 7.98
N LYS A 134 13.49 -26.35 7.25
CA LYS A 134 13.46 -25.96 5.85
C LYS A 134 13.24 -24.46 5.66
N SER A 135 13.07 -23.72 6.75
CA SER A 135 12.94 -22.27 6.70
C SER A 135 13.97 -21.61 7.62
N THR A 136 15.22 -22.09 7.57
CA THR A 136 16.33 -21.44 8.26
C THR A 136 17.40 -20.98 7.27
N SER A 137 18.03 -19.85 7.61
CA SER A 137 19.08 -19.27 6.78
C SER A 137 20.00 -18.47 7.67
N GLY A 138 21.28 -18.83 7.66
CA GLY A 138 22.27 -18.11 8.47
C GLY A 138 21.88 -17.89 9.91
N GLY A 139 21.29 -18.90 10.55
CA GLY A 139 20.87 -18.76 11.94
C GLY A 139 19.55 -18.07 12.15
N THR A 140 18.90 -17.60 11.10
CA THR A 140 17.57 -17.01 11.21
C THR A 140 16.53 -18.02 10.77
N ALA A 141 15.31 -17.86 11.25
CA ALA A 141 14.20 -18.66 10.78
C ALA A 141 13.14 -17.72 10.20
N ALA A 142 12.38 -18.23 9.23
CA ALA A 142 11.26 -17.48 8.69
C ALA A 142 9.95 -18.17 9.06
N LEU A 143 8.91 -17.37 9.24
CA LEU A 143 7.58 -17.85 9.58
C LEU A 143 6.58 -16.84 9.06
N GLY A 144 5.31 -17.22 9.03
CA GLY A 144 4.32 -16.28 8.56
C GLY A 144 2.90 -16.79 8.64
N CYS A 145 2.03 -16.06 7.94
CA CYS A 145 0.62 -16.40 7.82
C CYS A 145 0.19 -16.30 6.37
N LEU A 146 -0.53 -17.32 5.90
CA LEU A 146 -1.17 -17.30 4.59
C LEU A 146 -2.62 -16.85 4.75
N VAL A 147 -3.02 -15.83 3.98
CA VAL A 147 -4.34 -15.22 4.12
C VAL A 147 -5.05 -15.45 2.80
N LYS A 148 -5.91 -16.48 2.73
CA LYS A 148 -6.39 -17.02 1.47
C LYS A 148 -7.88 -16.78 1.26
N ASP A 149 -8.25 -16.46 0.01
CA ASP A 149 -9.61 -16.53 -0.49
C ASP A 149 -10.52 -15.46 0.11
N TYR A 150 -10.19 -14.18 -0.13
CA TYR A 150 -11.03 -13.10 0.34
C TYR A 150 -11.38 -12.18 -0.83
N PHE A 151 -12.45 -11.39 -0.62
CA PHE A 151 -12.91 -10.42 -1.61
C PHE A 151 -13.81 -9.43 -0.90
N PRO A 152 -13.70 -8.12 -1.20
CA PRO A 152 -12.72 -7.49 -2.08
C PRO A 152 -11.42 -7.25 -1.32
N GLU A 153 -10.49 -6.52 -1.93
CA GLU A 153 -9.37 -5.99 -1.17
C GLU A 153 -9.90 -4.88 -0.25
N PRO A 154 -9.12 -4.49 0.77
CA PRO A 154 -7.81 -4.94 1.19
C PRO A 154 -7.84 -5.79 2.46
N VAL A 155 -6.77 -6.54 2.68
CA VAL A 155 -6.49 -7.15 3.97
C VAL A 155 -5.28 -6.43 4.55
N THR A 156 -5.28 -6.21 5.86
CA THR A 156 -4.06 -5.75 6.52
C THR A 156 -3.61 -6.80 7.53
N VAL A 157 -2.31 -6.83 7.79
CA VAL A 157 -1.71 -7.81 8.69
C VAL A 157 -0.77 -7.09 9.63
N SER A 158 -0.95 -7.29 10.94
CA SER A 158 0.05 -6.89 11.91
C SER A 158 0.56 -8.15 12.60
N TRP A 159 1.64 -8.00 13.36
CA TRP A 159 2.18 -9.08 14.15
C TRP A 159 2.24 -8.64 15.61
N ASN A 160 1.82 -9.55 16.49
CA ASN A 160 1.80 -9.30 17.94
C ASN A 160 1.15 -7.96 18.25
N SER A 161 0.01 -7.70 17.60
CA SER A 161 -0.80 -6.51 17.86
C SER A 161 -0.04 -5.22 17.59
N GLY A 162 0.93 -5.26 16.68
CA GLY A 162 1.69 -4.08 16.30
C GLY A 162 3.03 -3.95 16.99
N ALA A 163 3.31 -4.80 17.99
CA ALA A 163 4.59 -4.73 18.68
C ALA A 163 5.74 -5.32 17.88
N LEU A 164 5.44 -6.13 16.85
CA LEU A 164 6.47 -6.76 16.02
C LEU A 164 6.38 -6.19 14.60
N THR A 165 7.41 -5.45 14.18
CA THR A 165 7.41 -4.85 12.85
C THR A 165 8.70 -5.14 12.10
N SER A 166 9.80 -5.27 12.82
CA SER A 166 11.09 -5.45 12.18
C SER A 166 11.10 -6.75 11.37
N GLY A 167 11.55 -6.66 10.12
CA GLY A 167 11.69 -7.85 9.31
C GLY A 167 10.40 -8.40 8.73
N VAL A 168 9.29 -7.70 8.87
CA VAL A 168 8.03 -8.18 8.31
C VAL A 168 7.97 -7.83 6.84
N HIS A 169 7.47 -8.77 6.02
CA HIS A 169 7.09 -8.50 4.64
C HIS A 169 5.67 -9.01 4.43
N THR A 170 4.74 -8.10 4.17
CA THR A 170 3.39 -8.48 3.77
C THR A 170 3.26 -8.24 2.26
N PHE A 171 3.05 -9.32 1.53
CA PHE A 171 3.08 -9.25 0.07
C PHE A 171 1.81 -8.62 -0.48
N PRO A 172 1.93 -7.92 -1.62
CA PRO A 172 0.74 -7.54 -2.39
C PRO A 172 -0.08 -8.77 -2.73
N ALA A 173 -1.40 -8.60 -2.74
CA ALA A 173 -2.29 -9.72 -3.02
C ALA A 173 -2.11 -10.24 -4.45
N VAL A 174 -2.39 -11.52 -4.64
CA VAL A 174 -2.54 -12.04 -6.00
C VAL A 174 -4.02 -12.30 -6.22
N LEU A 175 -4.41 -12.23 -7.49
CA LEU A 175 -5.76 -12.54 -7.92
C LEU A 175 -5.77 -14.00 -8.37
N GLN A 176 -6.57 -14.83 -7.69
CA GLN A 176 -6.65 -16.23 -8.07
C GLN A 176 -7.68 -16.41 -9.19
N SER A 177 -7.64 -17.58 -9.85
CA SER A 177 -8.57 -17.86 -10.94
C SER A 177 -10.02 -17.80 -10.48
N SER A 178 -10.27 -18.14 -9.22
CA SER A 178 -11.62 -18.06 -8.65
C SER A 178 -12.14 -16.63 -8.57
N GLY A 179 -11.27 -15.63 -8.74
CA GLY A 179 -11.65 -14.25 -8.55
C GLY A 179 -11.48 -13.73 -7.14
N LEU A 180 -11.08 -14.59 -6.21
CA LEU A 180 -10.74 -14.20 -4.85
C LEU A 180 -9.26 -13.84 -4.76
N TYR A 181 -8.91 -13.08 -3.72
CA TYR A 181 -7.54 -12.67 -3.49
C TYR A 181 -6.86 -13.56 -2.45
N SER A 182 -5.52 -13.51 -2.46
CA SER A 182 -4.71 -14.24 -1.51
C SER A 182 -3.41 -13.47 -1.29
N LEU A 183 -2.94 -13.42 -0.04
CA LEU A 183 -1.60 -12.91 0.23
C LEU A 183 -0.99 -13.70 1.38
N SER A 184 0.29 -13.43 1.63
CA SER A 184 0.97 -13.92 2.81
C SER A 184 1.76 -12.78 3.43
N SER A 185 2.00 -12.91 4.74
CA SER A 185 2.84 -12.01 5.52
C SER A 185 3.88 -12.89 6.20
N VAL A 186 5.13 -12.45 6.16
CA VAL A 186 6.23 -13.28 6.66
C VAL A 186 7.14 -12.41 7.51
N VAL A 187 7.93 -13.07 8.36
CA VAL A 187 8.92 -12.39 9.20
C VAL A 187 10.09 -13.33 9.40
N THR A 188 11.29 -12.77 9.52
CA THR A 188 12.47 -13.54 9.88
C THR A 188 12.84 -13.20 11.32
N VAL A 189 13.18 -14.23 12.09
CA VAL A 189 13.38 -14.12 13.55
C VAL A 189 14.61 -14.94 13.91
N PRO A 190 15.16 -14.82 15.12
CA PRO A 190 16.25 -15.72 15.52
C PRO A 190 15.75 -17.16 15.57
N SER A 191 16.53 -18.08 15.00
CA SER A 191 16.16 -19.49 15.15
C SER A 191 16.32 -19.94 16.60
N SER A 192 17.14 -19.26 17.39
CA SER A 192 17.31 -19.60 18.80
C SER A 192 16.07 -19.31 19.63
N SER A 193 15.14 -18.52 19.10
CA SER A 193 14.05 -18.01 19.92
CA SER A 193 14.00 -17.91 19.80
C SER A 193 12.72 -18.73 19.73
N LEU A 194 12.68 -19.76 18.88
CA LEU A 194 11.40 -20.36 18.51
C LEU A 194 10.68 -21.00 19.70
N GLY A 195 11.43 -21.46 20.71
CA GLY A 195 10.79 -22.13 21.84
C GLY A 195 10.24 -21.19 22.90
N THR A 196 10.72 -19.95 22.95
CA THR A 196 10.31 -19.02 24.01
C THR A 196 9.49 -17.84 23.52
N GLN A 197 9.61 -17.44 22.25
CA GLN A 197 8.90 -16.28 21.76
C GLN A 197 7.56 -16.68 21.14
N THR A 198 6.61 -15.76 21.19
CA THR A 198 5.28 -15.98 20.62
C THR A 198 5.09 -15.06 19.43
N TYR A 199 4.56 -15.61 18.34
CA TYR A 199 4.36 -14.88 17.10
C TYR A 199 2.93 -15.10 16.64
N ILE A 200 2.14 -14.02 16.66
CA ILE A 200 0.73 -14.04 16.33
C ILE A 200 0.51 -13.05 15.21
N CYS A 201 -0.07 -13.49 14.10
CA CYS A 201 -0.43 -12.55 13.05
C CYS A 201 -1.87 -12.11 13.28
N ASN A 202 -2.11 -10.82 13.15
CA ASN A 202 -3.44 -10.24 13.31
C ASN A 202 -3.91 -9.81 11.93
N VAL A 203 -4.97 -10.44 11.44
CA VAL A 203 -5.49 -10.22 10.10
C VAL A 203 -6.80 -9.44 10.21
N ASN A 204 -6.93 -8.36 9.43
CA ASN A 204 -8.14 -7.54 9.42
C ASN A 204 -8.62 -7.40 7.99
N HIS A 205 -9.83 -7.87 7.70
CA HIS A 205 -10.47 -7.70 6.41
C HIS A 205 -11.74 -6.89 6.69
N LYS A 206 -11.60 -5.56 6.71
CA LYS A 206 -12.75 -4.72 7.05
C LYS A 206 -13.95 -4.90 6.12
N PRO A 207 -13.80 -5.13 4.80
CA PRO A 207 -15.00 -5.30 3.97
C PRO A 207 -15.94 -6.41 4.42
N SER A 208 -15.45 -7.42 5.13
CA SER A 208 -16.29 -8.48 5.67
C SER A 208 -16.41 -8.44 7.19
N ASN A 209 -15.86 -7.40 7.83
CA ASN A 209 -15.82 -7.31 9.29
C ASN A 209 -15.17 -8.54 9.92
N THR A 210 -14.10 -9.04 9.30
CA THR A 210 -13.41 -10.24 9.76
C THR A 210 -12.08 -9.83 10.39
N LYS A 211 -11.91 -10.17 11.66
CA LYS A 211 -10.62 -10.04 12.35
C LYS A 211 -10.25 -11.40 12.90
N VAL A 212 -9.03 -11.84 12.59
CA VAL A 212 -8.57 -13.18 12.96
C VAL A 212 -7.15 -13.07 13.49
N ASP A 213 -6.89 -13.72 14.61
CA ASP A 213 -5.53 -13.90 15.10
C ASP A 213 -5.12 -15.35 14.91
N LYS A 214 -3.85 -15.57 14.55
CA LYS A 214 -3.33 -16.91 14.40
C LYS A 214 -1.96 -16.97 15.05
N LYS A 215 -1.81 -17.84 16.05
CA LYS A 215 -0.50 -18.09 16.62
C LYS A 215 0.25 -19.07 15.71
N VAL A 216 1.48 -18.71 15.37
CA VAL A 216 2.31 -19.49 14.44
C VAL A 216 3.40 -20.15 15.26
N GLU A 217 3.35 -21.47 15.41
CA GLU A 217 4.35 -22.17 16.19
C GLU A 217 5.13 -23.16 15.32
N PRO A 218 6.35 -23.53 15.73
CA PRO A 218 7.10 -24.53 14.97
C PRO A 218 6.34 -25.84 14.91
N LYS A 219 6.52 -26.56 13.80
CA LYS A 219 5.86 -27.85 13.62
C LYS A 219 6.43 -28.86 14.60
N SER A 220 5.55 -29.55 15.32
CA SER A 220 5.96 -30.49 16.36
C SER A 220 6.86 -31.60 15.83
N SER B 1 -9.02 23.72 -16.88
CA SER B 1 -8.30 23.87 -15.62
C SER B 1 -6.79 23.84 -15.82
N ILE B 2 -6.06 24.16 -14.75
CA ILE B 2 -4.61 24.24 -14.82
C ILE B 2 -4.01 22.84 -14.82
N VAL B 3 -3.09 22.60 -15.74
CA VAL B 3 -2.44 21.31 -15.89
C VAL B 3 -1.02 21.40 -15.34
N MET B 4 -0.66 20.46 -14.46
CA MET B 4 0.68 20.36 -13.90
C MET B 4 1.40 19.22 -14.60
N THR B 5 2.48 19.53 -15.32
CA THR B 5 3.27 18.53 -16.03
C THR B 5 4.52 18.23 -15.21
N GLN B 6 4.59 17.02 -14.67
CA GLN B 6 5.65 16.59 -13.79
C GLN B 6 6.62 15.68 -14.52
N THR B 7 7.93 15.97 -14.40
CA THR B 7 8.98 15.17 -15.01
C THR B 7 10.16 15.07 -14.05
N PRO B 8 10.92 13.96 -14.09
CA PRO B 8 10.65 12.78 -14.94
C PRO B 8 9.60 11.91 -14.27
N LYS B 9 9.14 10.86 -14.96
CA LYS B 9 8.14 9.98 -14.35
C LYS B 9 8.76 9.00 -13.36
N PHE B 10 10.05 8.69 -13.49
CA PHE B 10 10.71 7.82 -12.53
C PHE B 10 12.17 8.22 -12.41
N LEU B 11 12.75 7.91 -11.27
CA LEU B 11 14.16 8.11 -10.99
C LEU B 11 14.73 6.82 -10.42
N LEU B 12 15.91 6.45 -10.88
CA LEU B 12 16.64 5.32 -10.31
C LEU B 12 18.00 5.85 -9.90
N VAL B 13 18.21 6.02 -8.59
CA VAL B 13 19.44 6.64 -8.10
C VAL B 13 20.02 5.79 -6.97
N SER B 14 21.30 6.02 -6.68
CA SER B 14 21.93 5.40 -5.52
C SER B 14 21.71 6.28 -4.30
N ALA B 15 21.65 5.62 -3.14
CA ALA B 15 21.69 6.35 -1.88
C ALA B 15 22.83 7.37 -1.90
N GLY B 16 22.52 8.60 -1.51
CA GLY B 16 23.48 9.67 -1.48
C GLY B 16 23.44 10.57 -2.69
N ASP B 17 22.81 10.14 -3.78
CA ASP B 17 22.69 10.95 -4.97
C ASP B 17 21.71 12.11 -4.75
N ARG B 18 21.90 13.15 -5.55
CA ARG B 18 20.97 14.27 -5.62
C ARG B 18 19.87 13.95 -6.64
N VAL B 19 18.64 14.36 -6.35
CA VAL B 19 17.56 14.24 -7.33
C VAL B 19 16.82 15.55 -7.41
N THR B 20 16.42 15.92 -8.64
CA THR B 20 15.63 17.10 -8.91
C THR B 20 14.41 16.70 -9.72
N ILE B 21 13.22 17.08 -9.23
CA ILE B 21 11.97 16.86 -9.96
C ILE B 21 11.43 18.22 -10.41
N THR B 22 10.87 18.24 -11.61
CA THR B 22 10.38 19.47 -12.21
C THR B 22 8.89 19.38 -12.44
N CYS B 23 8.20 20.51 -12.26
CA CYS B 23 6.77 20.60 -12.53
CA CYS B 23 6.77 20.60 -12.53
CA CYS B 23 6.77 20.62 -12.49
C CYS B 23 6.50 21.94 -13.20
N LYS B 24 5.78 21.88 -14.32
CA LYS B 24 5.48 23.07 -15.11
C LYS B 24 3.97 23.23 -15.21
N ALA B 25 3.48 24.41 -14.86
CA ALA B 25 2.05 24.70 -14.87
C ALA B 25 1.65 25.31 -16.21
N SER B 26 0.45 24.97 -16.67
CA SER B 26 -0.06 25.47 -17.93
C SER B 26 -0.29 26.98 -17.93
N GLN B 27 -0.48 27.57 -16.75
CA GLN B 27 -0.57 29.01 -16.62
C GLN B 27 0.03 29.37 -15.26
N SER B 28 0.27 30.67 -15.06
CA SER B 28 0.88 31.12 -13.83
C SER B 28 0.05 30.70 -12.62
N VAL B 29 0.74 30.27 -11.57
CA VAL B 29 0.07 29.90 -10.33
C VAL B 29 0.82 30.57 -9.18
N THR B 30 1.53 31.66 -9.49
CA THR B 30 2.40 32.36 -8.55
C THR B 30 3.32 31.38 -7.83
N ASN B 31 3.23 31.31 -6.51
CA ASN B 31 4.08 30.42 -5.71
C ASN B 31 3.29 29.32 -5.01
N ASP B 32 1.99 29.20 -5.28
CA ASP B 32 1.14 28.30 -4.52
C ASP B 32 1.21 26.88 -5.11
N VAL B 33 2.36 26.26 -4.90
CA VAL B 33 2.63 24.90 -5.33
C VAL B 33 3.09 24.09 -4.11
N THR B 34 2.48 22.92 -3.92
CA THR B 34 2.79 22.02 -2.82
C THR B 34 3.42 20.75 -3.34
N TRP B 35 4.37 20.19 -2.58
CA TRP B 35 5.01 18.92 -2.93
C TRP B 35 4.72 17.90 -1.83
N TYR B 36 4.28 16.71 -2.26
CA TYR B 36 3.91 15.62 -1.36
C TYR B 36 4.79 14.39 -1.61
N GLN B 37 4.98 13.62 -0.54
CA GLN B 37 5.66 12.32 -0.58
C GLN B 37 4.64 11.26 -0.20
N GLN B 38 4.47 10.25 -1.06
CA GLN B 38 3.54 9.16 -0.77
C GLN B 38 4.32 7.85 -0.75
N LYS B 39 4.52 7.31 0.43
CA LYS B 39 5.17 6.03 0.58
C LYS B 39 4.15 4.91 0.40
N PRO B 40 4.60 3.72 0.01
CA PRO B 40 3.65 2.64 -0.31
C PRO B 40 2.75 2.32 0.88
N GLY B 41 1.45 2.23 0.61
CA GLY B 41 0.44 1.99 1.62
C GLY B 41 -0.13 3.24 2.28
N GLN B 42 0.61 4.34 2.27
CA GLN B 42 0.29 5.51 3.08
C GLN B 42 -0.48 6.56 2.27
N SER B 43 -1.02 7.53 2.99
CA SER B 43 -1.58 8.73 2.38
C SER B 43 -0.44 9.68 2.01
N PRO B 44 -0.68 10.64 1.10
CA PRO B 44 0.37 11.60 0.79
C PRO B 44 0.73 12.44 2.01
N LYS B 45 2.02 12.80 2.09
CA LYS B 45 2.57 13.55 3.22
C LYS B 45 3.11 14.87 2.70
N LEU B 46 2.65 15.98 3.28
CA LEU B 46 3.06 17.29 2.80
C LEU B 46 4.51 17.56 3.21
N LEU B 47 5.38 17.85 2.23
CA LEU B 47 6.76 18.23 2.52
C LEU B 47 7.03 19.71 2.31
N ILE B 48 6.56 20.28 1.21
CA ILE B 48 6.91 21.64 0.80
C ILE B 48 5.63 22.38 0.44
N TYR B 49 5.46 23.59 0.94
CA TYR B 49 4.29 24.41 0.62
C TYR B 49 4.73 25.80 0.20
N TYR B 50 3.87 26.47 -0.56
CA TYR B 50 4.18 27.77 -1.15
C TYR B 50 5.53 27.71 -1.88
N ALA B 51 5.72 26.60 -2.62
CA ALA B 51 6.83 26.37 -3.53
C ALA B 51 8.16 26.06 -2.83
N SER B 52 8.43 26.69 -1.69
CA SER B 52 9.78 26.64 -1.13
C SER B 52 9.86 26.46 0.38
N ASN B 53 8.75 26.34 1.10
CA ASN B 53 8.77 26.26 2.56
C ASN B 53 8.63 24.82 3.01
N ARG B 54 9.55 24.37 3.86
CA ARG B 54 9.45 23.04 4.44
C ARG B 54 8.34 23.00 5.48
N TYR B 55 7.51 21.96 5.40
CA TYR B 55 6.56 21.71 6.47
C TYR B 55 7.30 21.28 7.74
N THR B 56 6.61 21.38 8.87
CA THR B 56 7.20 21.06 10.16
C THR B 56 7.74 19.62 10.17
N GLY B 57 8.99 19.48 10.61
CA GLY B 57 9.59 18.17 10.77
C GLY B 57 10.17 17.57 9.50
N VAL B 58 10.06 18.26 8.37
CA VAL B 58 10.64 17.74 7.12
C VAL B 58 12.16 17.91 7.17
N PRO B 59 12.93 16.88 6.83
CA PRO B 59 14.40 17.01 6.87
C PRO B 59 14.93 18.11 5.96
N ASP B 60 16.13 18.60 6.30
CA ASP B 60 16.76 19.68 5.56
C ASP B 60 17.09 19.31 4.12
N ARG B 61 17.19 18.02 3.81
CA ARG B 61 17.59 17.61 2.47
C ARG B 61 16.50 17.83 1.43
N PHE B 62 15.28 18.15 1.85
CA PHE B 62 14.17 18.45 0.95
C PHE B 62 14.07 19.96 0.76
N THR B 63 14.12 20.40 -0.49
CA THR B 63 13.88 21.81 -0.81
C THR B 63 12.99 21.91 -2.04
N GLY B 64 12.43 23.11 -2.22
CA GLY B 64 11.72 23.44 -3.43
C GLY B 64 11.98 24.90 -3.80
N SER B 65 11.66 25.25 -5.03
CA SER B 65 11.77 26.63 -5.48
C SER B 65 10.90 26.81 -6.73
N GLY B 66 10.65 28.06 -7.06
CA GLY B 66 9.90 28.40 -8.26
C GLY B 66 8.84 29.46 -8.02
N TYR B 67 8.55 30.22 -9.07
CA TYR B 67 7.45 31.18 -9.05
C TYR B 67 6.91 31.30 -10.46
N GLY B 68 5.59 31.26 -10.59
CA GLY B 68 4.97 31.41 -11.89
C GLY B 68 4.54 30.09 -12.48
N THR B 69 5.35 29.53 -13.37
CA THR B 69 5.00 28.28 -14.04
C THR B 69 5.99 27.15 -13.84
N ASP B 70 7.25 27.44 -13.52
CA ASP B 70 8.29 26.42 -13.44
C ASP B 70 8.70 26.22 -11.98
N PHE B 71 8.55 24.99 -11.48
CA PHE B 71 8.84 24.67 -10.08
C PHE B 71 9.70 23.43 -10.01
N THR B 72 10.65 23.41 -9.08
CA THR B 72 11.51 22.25 -8.90
C THR B 72 11.46 21.79 -7.45
N PHE B 73 11.72 20.50 -7.26
CA PHE B 73 11.78 19.85 -5.96
C PHE B 73 13.09 19.08 -5.91
N THR B 74 13.82 19.22 -4.81
CA THR B 74 15.18 18.69 -4.73
C THR B 74 15.36 17.91 -3.44
N ILE B 75 15.94 16.72 -3.55
CA ILE B 75 16.47 15.96 -2.41
C ILE B 75 17.97 15.98 -2.56
N SER B 76 18.66 16.63 -1.61
CA SER B 76 20.08 16.91 -1.77
C SER B 76 20.91 15.63 -1.68
N THR B 77 20.52 14.71 -0.82
CA THR B 77 21.21 13.44 -0.70
C THR B 77 20.15 12.39 -0.36
N VAL B 78 19.82 11.55 -1.35
CA VAL B 78 18.73 10.58 -1.21
C VAL B 78 19.08 9.53 -0.16
N GLN B 79 18.15 9.26 0.76
CA GLN B 79 18.29 8.21 1.75
C GLN B 79 17.44 7.00 1.37
N ALA B 80 17.80 5.84 1.91
CA ALA B 80 17.02 4.63 1.65
C ALA B 80 15.54 4.85 1.93
N GLU B 81 15.23 5.56 3.01
CA GLU B 81 13.83 5.73 3.41
C GLU B 81 13.05 6.70 2.52
N ASP B 82 13.72 7.37 1.56
CA ASP B 82 13.03 8.34 0.70
C ASP B 82 12.34 7.68 -0.48
N LEU B 83 12.41 6.36 -0.59
CA LEU B 83 11.65 5.61 -1.58
C LEU B 83 10.17 5.97 -1.48
N ALA B 84 9.61 6.48 -2.57
CA ALA B 84 8.23 6.98 -2.54
C ALA B 84 7.85 7.46 -3.95
N VAL B 85 6.57 7.77 -4.11
CA VAL B 85 6.11 8.60 -5.23
C VAL B 85 5.98 10.03 -4.71
N TYR B 86 6.55 10.99 -5.45
CA TYR B 86 6.44 12.41 -5.13
C TYR B 86 5.50 13.09 -6.12
N PHE B 87 4.65 13.98 -5.60
CA PHE B 87 3.65 14.72 -6.37
C PHE B 87 3.80 16.23 -6.17
N CYS B 88 3.75 16.98 -7.28
CA CYS B 88 3.46 18.41 -7.19
C CYS B 88 1.96 18.66 -7.30
N GLN B 89 1.53 19.79 -6.74
CA GLN B 89 0.13 20.17 -6.78
C GLN B 89 0.04 21.69 -6.81
N GLN B 90 -0.75 22.23 -7.73
CA GLN B 90 -1.03 23.66 -7.72
C GLN B 90 -2.24 23.92 -6.82
N ASP B 91 -2.08 24.81 -5.86
CA ASP B 91 -3.17 25.17 -4.95
C ASP B 91 -3.69 26.57 -5.22
N TYR B 92 -3.43 27.10 -6.42
CA TYR B 92 -3.72 28.50 -6.71
C TYR B 92 -5.20 28.72 -7.01
N SER B 93 -5.83 27.79 -7.74
CA SER B 93 -7.23 27.96 -8.09
C SER B 93 -7.86 26.60 -8.32
N SER B 94 -9.17 26.54 -8.09
CA SER B 94 -9.96 25.35 -8.35
C SER B 94 -10.18 25.16 -9.85
N PRO B 95 -10.23 23.90 -10.32
CA PRO B 95 -10.01 22.70 -9.51
C PRO B 95 -8.54 22.55 -9.17
N PHE B 96 -8.24 22.23 -7.92
CA PHE B 96 -6.87 22.03 -7.52
C PHE B 96 -6.34 20.75 -8.17
N THR B 97 -5.19 20.87 -8.84
CA THR B 97 -4.72 19.80 -9.72
C THR B 97 -3.31 19.36 -9.35
N PHE B 98 -3.11 18.05 -9.43
CA PHE B 98 -1.84 17.43 -9.09
C PHE B 98 -1.06 17.10 -10.34
N GLY B 99 0.25 16.99 -10.19
CA GLY B 99 1.07 16.35 -11.19
C GLY B 99 0.88 14.84 -11.16
N SER B 100 1.38 14.18 -12.21
CA SER B 100 1.17 12.74 -12.36
C SER B 100 2.07 11.90 -11.47
N GLY B 101 3.05 12.50 -10.81
CA GLY B 101 3.88 11.79 -9.86
C GLY B 101 5.21 11.35 -10.45
N THR B 102 6.22 11.24 -9.57
CA THR B 102 7.53 10.72 -9.92
C THR B 102 7.86 9.60 -8.95
N LYS B 103 8.12 8.40 -9.48
CA LYS B 103 8.50 7.28 -8.63
C LYS B 103 10.00 7.28 -8.44
N LEU B 104 10.44 7.47 -7.20
CA LEU B 104 11.86 7.41 -6.83
C LEU B 104 12.21 6.00 -6.39
N GLU B 105 13.10 5.34 -7.14
CA GLU B 105 13.59 4.01 -6.85
C GLU B 105 15.09 4.04 -6.60
N ILE B 106 15.57 3.08 -5.83
CA ILE B 106 16.96 3.06 -5.39
C ILE B 106 17.68 1.88 -6.04
N LYS B 107 18.89 2.14 -6.51
CA LYS B 107 19.78 1.08 -6.95
C LYS B 107 20.83 0.84 -5.87
N ARG B 108 21.19 -0.43 -5.69
CA ARG B 108 22.13 -0.79 -4.65
C ARG B 108 22.98 -1.95 -5.15
N THR B 109 23.87 -2.43 -4.30
CA THR B 109 24.69 -3.56 -4.67
C THR B 109 23.83 -4.82 -4.77
N VAL B 110 24.33 -5.80 -5.52
CA VAL B 110 23.65 -7.08 -5.64
C VAL B 110 23.56 -7.76 -4.29
N ALA B 111 22.39 -8.33 -3.97
CA ALA B 111 22.17 -9.09 -2.76
C ALA B 111 21.46 -10.39 -3.10
N ALA B 112 22.01 -11.51 -2.65
CA ALA B 112 21.39 -12.80 -2.89
C ALA B 112 20.17 -12.98 -2.00
N PRO B 113 19.14 -13.65 -2.48
CA PRO B 113 18.01 -13.98 -1.61
C PRO B 113 18.37 -15.11 -0.66
N SER B 114 17.79 -15.02 0.54
CA SER B 114 17.69 -16.15 1.43
C SER B 114 16.40 -16.88 1.09
N VAL B 115 16.45 -18.21 0.97
CA VAL B 115 15.33 -18.96 0.42
C VAL B 115 14.77 -19.89 1.49
N PHE B 116 13.44 -19.89 1.64
CA PHE B 116 12.73 -20.69 2.63
C PHE B 116 11.55 -21.38 1.93
N ILE B 117 11.17 -22.57 2.40
CA ILE B 117 10.01 -23.27 1.85
C ILE B 117 9.09 -23.68 3.01
N PHE B 118 7.78 -23.58 2.79
CA PHE B 118 6.78 -23.92 3.80
C PHE B 118 5.81 -24.96 3.23
N PRO B 119 5.66 -26.12 3.86
CA PRO B 119 4.61 -27.05 3.43
C PRO B 119 3.24 -26.51 3.78
N PRO B 120 2.16 -27.10 3.25
CA PRO B 120 0.83 -26.67 3.68
C PRO B 120 0.60 -27.02 5.13
N SER B 121 -0.21 -26.21 5.79
CA SER B 121 -0.58 -26.49 7.17
C SER B 121 -1.52 -27.68 7.25
N ASP B 122 -1.47 -28.40 8.38
CA ASP B 122 -2.45 -29.45 8.59
C ASP B 122 -3.86 -28.87 8.59
N GLU B 123 -4.03 -27.64 9.07
CA GLU B 123 -5.36 -27.03 9.10
CA GLU B 123 -5.37 -27.03 9.09
C GLU B 123 -5.91 -26.84 7.69
N GLN B 124 -5.07 -26.37 6.76
CA GLN B 124 -5.56 -26.17 5.40
C GLN B 124 -5.89 -27.49 4.72
N LEU B 125 -5.11 -28.54 5.00
CA LEU B 125 -5.38 -29.81 4.33
C LEU B 125 -6.77 -30.33 4.65
N LYS B 126 -7.31 -30.00 5.83
CA LYS B 126 -8.68 -30.38 6.16
C LYS B 126 -9.70 -29.85 5.18
N SER B 127 -9.38 -28.78 4.45
CA SER B 127 -10.32 -28.13 3.54
C SER B 127 -10.21 -28.63 2.10
N GLY B 128 -9.25 -29.49 1.79
CA GLY B 128 -9.16 -30.08 0.47
C GLY B 128 -8.21 -29.41 -0.48
N THR B 129 -7.49 -28.38 -0.02
CA THR B 129 -6.52 -27.65 -0.82
C THR B 129 -5.19 -27.59 -0.07
N ALA B 130 -4.10 -27.57 -0.84
CA ALA B 130 -2.75 -27.55 -0.29
C ALA B 130 -1.96 -26.44 -0.96
N SER B 131 -1.54 -25.44 -0.17
CA SER B 131 -0.73 -24.34 -0.67
C SER B 131 0.70 -24.53 -0.17
N VAL B 132 1.66 -24.51 -1.09
CA VAL B 132 3.09 -24.61 -0.77
C VAL B 132 3.72 -23.26 -1.07
N VAL B 133 4.43 -22.68 -0.11
CA VAL B 133 4.97 -21.33 -0.27
C VAL B 133 6.49 -21.38 -0.29
N CYS B 134 7.08 -20.78 -1.32
CA CYS B 134 8.51 -20.56 -1.42
C CYS B 134 8.77 -19.07 -1.26
N LEU B 135 9.70 -18.71 -0.38
CA LEU B 135 9.97 -17.33 -0.02
C LEU B 135 11.40 -16.97 -0.40
N LEU B 136 11.57 -15.88 -1.14
CA LEU B 136 12.90 -15.32 -1.43
C LEU B 136 12.98 -13.98 -0.71
N ASN B 137 13.92 -13.86 0.24
CA ASN B 137 13.94 -12.73 1.15
C ASN B 137 15.11 -11.80 0.87
N ASN B 138 14.79 -10.51 0.73
CA ASN B 138 15.75 -9.40 0.73
C ASN B 138 16.88 -9.62 -0.29
N PHE B 139 16.50 -9.52 -1.57
CA PHE B 139 17.46 -9.65 -2.65
C PHE B 139 17.42 -8.41 -3.54
N TYR B 140 18.45 -8.29 -4.39
CA TYR B 140 18.55 -7.20 -5.34
C TYR B 140 19.50 -7.64 -6.45
N PRO B 141 19.20 -7.37 -7.73
CA PRO B 141 18.01 -6.67 -8.20
C PRO B 141 16.78 -7.56 -8.28
N ARG B 142 15.71 -7.04 -8.86
CA ARG B 142 14.39 -7.67 -8.76
C ARG B 142 14.32 -8.98 -9.52
N GLU B 143 15.13 -9.14 -10.57
CA GLU B 143 14.99 -10.27 -11.47
C GLU B 143 15.41 -11.56 -10.78
N ALA B 144 14.55 -12.58 -10.87
CA ALA B 144 14.77 -13.86 -10.23
C ALA B 144 13.90 -14.89 -10.93
N LYS B 145 14.39 -16.13 -11.02
CA LYS B 145 13.64 -17.23 -11.60
C LYS B 145 13.34 -18.24 -10.50
N VAL B 146 12.08 -18.57 -10.33
CA VAL B 146 11.63 -19.57 -9.36
C VAL B 146 10.95 -20.69 -10.14
N GLN B 147 11.32 -21.92 -9.82
CA GLN B 147 10.77 -23.08 -10.49
C GLN B 147 10.37 -24.11 -9.45
N TRP B 148 9.22 -24.74 -9.67
CA TRP B 148 8.71 -25.77 -8.79
C TRP B 148 8.98 -27.14 -9.41
N LYS B 149 9.41 -28.08 -8.57
CA LYS B 149 9.52 -29.48 -8.96
C LYS B 149 8.78 -30.30 -7.94
N VAL B 150 7.99 -31.25 -8.42
CA VAL B 150 7.27 -32.19 -7.58
C VAL B 150 7.71 -33.58 -8.00
N ASP B 151 8.32 -34.34 -7.09
CA ASP B 151 8.98 -35.59 -7.41
C ASP B 151 9.90 -35.42 -8.62
N ASN B 152 10.59 -34.27 -8.65
CA ASN B 152 11.58 -33.88 -9.65
C ASN B 152 10.99 -33.57 -11.02
N ALA B 153 9.68 -33.49 -11.14
CA ALA B 153 9.03 -33.07 -12.38
C ALA B 153 8.77 -31.57 -12.32
N LEU B 154 9.23 -30.85 -13.35
CA LEU B 154 9.02 -29.41 -13.43
C LEU B 154 7.53 -29.07 -13.54
N GLN B 155 7.06 -28.17 -12.68
CA GLN B 155 5.66 -27.79 -12.64
C GLN B 155 5.41 -26.62 -13.57
N SER B 156 4.24 -26.62 -14.20
CA SER B 156 3.76 -25.50 -14.98
C SER B 156 2.28 -25.27 -14.67
N GLY B 157 1.91 -24.01 -14.47
CA GLY B 157 0.52 -23.64 -14.48
C GLY B 157 -0.21 -23.64 -13.15
N ASN B 158 0.49 -23.93 -12.05
CA ASN B 158 -0.17 -24.08 -10.75
C ASN B 158 0.50 -23.22 -9.67
N SER B 159 1.15 -22.13 -10.06
CA SER B 159 1.79 -21.26 -9.07
C SER B 159 1.60 -19.80 -9.44
N GLN B 160 1.68 -18.94 -8.42
CA GLN B 160 1.56 -17.49 -8.57
C GLN B 160 2.63 -16.80 -7.76
N GLU B 161 3.19 -15.71 -8.31
CA GLU B 161 4.24 -14.95 -7.64
C GLU B 161 3.75 -13.58 -7.21
N SER B 162 4.38 -13.05 -6.17
CA SER B 162 4.15 -11.66 -5.75
C SER B 162 5.44 -11.10 -5.21
N VAL B 163 5.78 -9.88 -5.60
CA VAL B 163 7.01 -9.25 -5.14
C VAL B 163 6.63 -8.02 -4.33
N THR B 164 7.42 -7.73 -3.29
CA THR B 164 7.13 -6.58 -2.47
C THR B 164 7.60 -5.31 -3.16
N GLU B 165 7.14 -4.18 -2.63
CA GLU B 165 7.83 -2.93 -2.90
C GLU B 165 9.24 -3.00 -2.34
N GLN B 166 10.07 -2.05 -2.79
CA GLN B 166 11.43 -1.96 -2.32
C GLN B 166 11.46 -1.60 -0.83
N ASP B 167 12.40 -2.18 -0.10
CA ASP B 167 12.44 -2.01 1.34
C ASP B 167 12.98 -0.64 1.71
N SER B 168 12.34 0.01 2.68
CA SER B 168 12.72 1.37 3.04
C SER B 168 14.02 1.41 3.84
N LYS B 169 14.51 0.27 4.35
CA LYS B 169 15.75 0.25 5.11
C LYS B 169 16.95 -0.21 4.29
N ASP B 170 16.83 -1.32 3.54
CA ASP B 170 17.99 -1.87 2.83
C ASP B 170 17.82 -1.94 1.31
N SER B 171 16.71 -1.43 0.79
CA SER B 171 16.49 -1.25 -0.65
C SER B 171 16.35 -2.56 -1.41
N THR B 172 16.07 -3.66 -0.72
CA THR B 172 15.92 -4.96 -1.37
C THR B 172 14.46 -5.25 -1.69
N TYR B 173 14.24 -6.40 -2.32
CA TYR B 173 12.92 -6.93 -2.62
C TYR B 173 12.77 -8.28 -1.95
N SER B 174 11.52 -8.71 -1.76
CA SER B 174 11.24 -10.07 -1.36
C SER B 174 10.15 -10.59 -2.30
N LEU B 175 10.07 -11.92 -2.42
CA LEU B 175 9.17 -12.49 -3.41
C LEU B 175 8.65 -13.81 -2.87
N SER B 176 7.35 -14.04 -3.06
CA SER B 176 6.81 -15.36 -2.78
C SER B 176 6.35 -16.00 -4.08
N SER B 177 6.44 -17.32 -4.11
CA SER B 177 5.80 -18.13 -5.14
C SER B 177 4.99 -19.17 -4.41
N THR B 178 3.71 -19.28 -4.75
CA THR B 178 2.79 -20.16 -4.05
C THR B 178 2.29 -21.21 -5.04
N LEU B 179 2.57 -22.47 -4.74
CA LEU B 179 2.09 -23.60 -5.51
C LEU B 179 0.80 -24.12 -4.87
N THR B 180 -0.28 -24.22 -5.66
CA THR B 180 -1.58 -24.61 -5.14
C THR B 180 -2.00 -25.92 -5.80
N LEU B 181 -2.30 -26.94 -4.99
CA LEU B 181 -2.73 -28.25 -5.44
C LEU B 181 -3.92 -28.70 -4.60
N SER B 182 -4.72 -29.58 -5.18
CA SER B 182 -5.73 -30.25 -4.36
C SER B 182 -5.02 -31.13 -3.33
N LYS B 183 -5.71 -31.40 -2.22
CA LYS B 183 -5.13 -32.29 -1.22
C LYS B 183 -4.79 -33.64 -1.81
N ALA B 184 -5.68 -34.18 -2.63
CA ALA B 184 -5.45 -35.50 -3.23
C ALA B 184 -4.18 -35.51 -4.07
N ASP B 185 -4.00 -34.50 -4.92
CA ASP B 185 -2.75 -34.40 -5.68
C ASP B 185 -1.55 -34.25 -4.75
N TYR B 186 -1.68 -33.42 -3.70
CA TYR B 186 -0.57 -33.23 -2.78
C TYR B 186 -0.17 -34.55 -2.12
N GLU B 187 -1.16 -35.35 -1.73
CA GLU B 187 -0.88 -36.62 -1.06
C GLU B 187 -0.30 -37.68 -1.99
N LYS B 188 -0.36 -37.49 -3.31
CA LYS B 188 0.17 -38.47 -4.25
C LYS B 188 1.65 -38.30 -4.53
N HIS B 189 2.31 -37.29 -3.94
CA HIS B 189 3.72 -37.04 -4.20
C HIS B 189 4.45 -36.82 -2.89
N LYS B 190 5.78 -36.93 -2.96
CA LYS B 190 6.61 -36.88 -1.77
C LYS B 190 7.50 -35.65 -1.70
N VAL B 191 8.22 -35.34 -2.79
CA VAL B 191 9.27 -34.32 -2.76
C VAL B 191 8.73 -33.05 -3.39
N TYR B 192 8.76 -31.97 -2.61
CA TYR B 192 8.33 -30.64 -3.06
C TYR B 192 9.52 -29.71 -2.97
N ALA B 193 9.88 -29.09 -4.09
CA ALA B 193 11.12 -28.33 -4.15
C ALA B 193 10.90 -27.08 -4.97
N CYS B 194 11.51 -25.99 -4.50
CA CYS B 194 11.55 -24.70 -5.20
CA CYS B 194 11.55 -24.75 -5.28
C CYS B 194 13.00 -24.43 -5.56
N GLU B 195 13.26 -24.07 -6.82
CA GLU B 195 14.62 -23.84 -7.30
C GLU B 195 14.74 -22.39 -7.73
N VAL B 196 15.71 -21.68 -7.16
CA VAL B 196 15.81 -20.24 -7.26
C VAL B 196 17.10 -19.87 -8.00
N THR B 197 16.97 -19.13 -9.09
CA THR B 197 18.10 -18.57 -9.82
C THR B 197 18.12 -17.05 -9.62
N HIS B 198 19.29 -16.51 -9.29
CA HIS B 198 19.43 -15.08 -9.06
C HIS B 198 20.90 -14.71 -9.20
N GLN B 199 21.14 -13.50 -9.74
CA GLN B 199 22.50 -13.03 -10.02
C GLN B 199 23.41 -13.09 -8.79
N GLY B 200 22.86 -12.95 -7.59
CA GLY B 200 23.71 -12.96 -6.41
C GLY B 200 24.10 -14.33 -5.91
N LEU B 201 23.53 -15.38 -6.49
CA LEU B 201 23.84 -16.76 -6.15
C LEU B 201 24.83 -17.30 -7.17
N SER B 202 25.84 -18.03 -6.69
CA SER B 202 26.80 -18.60 -7.63
C SER B 202 26.18 -19.70 -8.49
N SER B 203 25.26 -20.48 -7.93
CA SER B 203 24.52 -21.49 -8.67
C SER B 203 23.11 -21.54 -8.08
N PRO B 204 22.14 -22.08 -8.84
CA PRO B 204 20.76 -22.09 -8.34
C PRO B 204 20.64 -22.82 -7.00
N VAL B 205 19.76 -22.33 -6.14
CA VAL B 205 19.53 -22.92 -4.84
C VAL B 205 18.20 -23.64 -4.87
N THR B 206 18.16 -24.81 -4.25
CA THR B 206 16.93 -25.59 -4.13
C THR B 206 16.63 -25.76 -2.66
N LYS B 207 15.39 -25.45 -2.28
CA LYS B 207 14.86 -25.78 -0.96
C LYS B 207 13.75 -26.80 -1.17
N SER B 208 13.76 -27.87 -0.39
CA SER B 208 12.77 -28.90 -0.61
C SER B 208 12.38 -29.52 0.73
N PHE B 209 11.21 -30.14 0.76
CA PHE B 209 10.84 -30.97 1.88
C PHE B 209 10.21 -32.25 1.35
N ASN B 210 10.15 -33.26 2.22
CA ASN B 210 9.40 -34.49 1.96
C ASN B 210 8.08 -34.41 2.70
N ARG B 211 6.99 -34.68 1.99
CA ARG B 211 5.67 -34.64 2.61
C ARG B 211 5.64 -35.60 3.80
N GLY B 212 5.20 -35.09 4.95
CA GLY B 212 5.18 -35.88 6.16
C GLY B 212 6.40 -35.67 7.05
N GLU B 213 7.57 -35.50 6.43
CA GLU B 213 8.81 -35.34 7.18
C GLU B 213 9.08 -33.87 7.50
N GLU C 1 -15.76 31.31 13.24
CA GLU C 1 -15.56 31.40 11.80
C GLU C 1 -14.62 30.31 11.30
N ASP C 2 -14.76 29.98 10.01
CA ASP C 2 -13.87 29.03 9.36
C ASP C 2 -13.00 29.77 8.34
N ASN C 3 -12.37 29.03 7.44
CA ASN C 3 -11.49 29.64 6.44
C ASN C 3 -12.14 29.73 5.07
N GLU C 4 -13.48 29.76 5.00
CA GLU C 4 -14.12 29.83 3.70
C GLU C 4 -13.82 31.15 3.00
N LYS C 5 -13.78 32.25 3.76
CA LYS C 5 -13.50 33.54 3.16
C LYS C 5 -12.09 33.59 2.58
N LEU C 6 -11.12 32.99 3.29
CA LEU C 6 -9.75 32.94 2.79
C LEU C 6 -9.68 32.17 1.47
N ARG C 7 -10.38 31.05 1.38
CA ARG C 7 -10.26 30.15 0.25
C ARG C 7 -11.23 30.48 -0.88
N LYS C 8 -12.18 31.38 -0.64
CA LYS C 8 -13.14 31.76 -1.68
C LYS C 8 -12.47 32.25 -2.96
N PRO C 9 -11.45 33.12 -2.93
CA PRO C 9 -10.83 33.56 -4.19
C PRO C 9 -10.25 32.41 -4.99
N LYS C 10 -9.86 31.31 -4.35
CA LYS C 10 -9.31 30.19 -5.09
C LYS C 10 -10.39 29.43 -5.85
N HIS C 11 -11.66 29.64 -5.52
CA HIS C 11 -12.74 28.94 -6.20
C HIS C 11 -13.32 29.73 -7.37
N LYS C 12 -12.97 31.00 -7.51
CA LYS C 12 -13.39 31.78 -8.67
C LYS C 12 -12.41 31.56 -9.84
C1 NAG D . -2.35 32.05 0.41
C2 NAG D . -2.20 33.05 -0.73
C3 NAG D . -0.72 33.39 -0.96
C4 NAG D . -0.07 33.83 0.34
C5 NAG D . -0.28 32.78 1.42
C6 NAG D . 0.26 33.19 2.77
C7 NAG D . -3.83 33.15 -2.57
C8 NAG D . -4.31 32.51 -3.84
N2 NAG D . -2.80 32.55 -1.96
O3 NAG D . -0.61 34.41 -1.94
O4 NAG D . 1.33 34.02 0.14
O5 NAG D . -1.69 32.55 1.59
O6 NAG D . -0.37 34.36 3.25
O7 NAG D . -4.35 34.17 -2.12
C1 NAG D . 1.79 35.30 0.33
C2 NAG D . 3.32 35.31 0.29
C3 NAG D . 3.85 36.73 0.42
C4 NAG D . 3.21 37.65 -0.60
C5 NAG D . 1.69 37.56 -0.48
C6 NAG D . 0.96 38.37 -1.52
C7 NAG D . 4.53 33.31 1.06
C8 NAG D . 5.03 32.55 2.25
N2 NAG D . 3.88 34.45 1.32
O3 NAG D . 5.27 36.73 0.26
O4 NAG D . 3.62 38.99 -0.38
O5 NAG D . 1.28 36.20 -0.66
O6 NAG D . -0.44 38.15 -1.48
O7 NAG D . 4.72 32.92 -0.08
C1 FUC D . 0.29 34.92 4.32
C2 FUC D . -0.40 36.23 4.66
C3 FUC D . -1.78 35.95 5.24
C4 FUC D . -1.67 35.04 6.48
C5 FUC D . -0.84 33.77 6.13
C6 FUC D . -0.45 32.97 7.36
O2 FUC D . -0.50 37.11 3.54
O3 FUC D . -2.40 37.17 5.64
O4 FUC D . -1.05 35.74 7.55
O5 FUC D . 0.39 34.08 5.44
C1 EDO E . -0.40 -16.15 -2.71
O1 EDO E . 0.29 -15.00 -3.23
C2 EDO E . -0.30 -16.20 -1.19
O2 EDO E . 1.07 -16.47 -0.80
#